data_7OSS
#
_entry.id   7OSS
#
_cell.length_a   45.460
_cell.length_b   68.740
_cell.length_c   160.680
_cell.angle_alpha   90.000
_cell.angle_beta   90.000
_cell.angle_gamma   90.000
#
_symmetry.space_group_name_H-M   'P 21 21 21'
#
loop_
_entity.id
_entity.type
_entity.pdbx_description
1 polymer 'Protein mono-ADP-ribosyltransferase PARP15'
2 non-polymer 8-phenylmethoxy-4~{H}-thieno[2,3-c]isoquinolin-5-one
3 non-polymer 'DIMETHYL SULFOXIDE'
4 water water
#
_entity_poly.entity_id   1
_entity_poly.type   'polypeptide(L)'
_entity_poly.pdbx_seq_one_letter_code
;MHHHHHHSSGVDLGTENLYFQSMNLPEHWTDMNHQLFCMVQLEPGQSEYNTIKDKFTRTCSSYAIEKIERIQNAFLWQSY
QVKKRQMDIKNDHKNNERLLFHGTDADSVPYVNQHGFNRSCAGKNAVSYGKGTYFAVDASYSAKDTYSKPDSNGRKHMYV
VRVLTGVFTKGRAGLVTPPPKNPHNPTDLFDSVTNNTRSPKLFVVFFDNQAYPEYLITFTA
;
_entity_poly.pdbx_strand_id   A,B
#
# COMPACT_ATOMS: atom_id res chain seq x y z
N LEU A 25 -19.57 -0.34 -7.97
CA LEU A 25 -18.80 -0.29 -9.27
C LEU A 25 -19.47 0.70 -10.23
N PRO A 26 -18.69 1.61 -10.86
CA PRO A 26 -19.24 2.76 -11.60
C PRO A 26 -20.25 2.40 -12.70
N GLU A 27 -21.25 3.27 -12.90
CA GLU A 27 -22.34 3.13 -13.90
C GLU A 27 -21.75 2.77 -15.27
N HIS A 28 -20.78 3.56 -15.76
CA HIS A 28 -20.19 3.56 -17.14
C HIS A 28 -19.33 2.32 -17.39
N TRP A 29 -18.93 1.62 -16.33
CA TRP A 29 -18.45 0.23 -16.49
C TRP A 29 -19.55 -0.56 -17.17
N THR A 30 -19.15 -1.59 -17.90
CA THR A 30 -20.11 -2.51 -18.56
C THR A 30 -20.06 -3.82 -17.78
N ASP A 31 -21.15 -4.55 -17.86
CA ASP A 31 -21.41 -5.79 -17.08
C ASP A 31 -20.20 -6.71 -17.21
N MET A 32 -19.87 -7.43 -16.14
CA MET A 32 -18.68 -8.29 -16.10
C MET A 32 -19.05 -9.76 -15.85
N ASN A 33 -20.32 -10.13 -16.02
CA ASN A 33 -20.76 -11.55 -15.86
C ASN A 33 -20.21 -12.08 -14.54
N HIS A 34 -20.28 -11.29 -13.46
CA HIS A 34 -19.89 -11.70 -12.08
C HIS A 34 -18.38 -11.93 -11.98
N GLN A 35 -17.58 -11.36 -12.88
CA GLN A 35 -16.08 -11.32 -12.76
C GLN A 35 -15.66 -10.03 -12.06
N LEU A 36 -14.45 -10.01 -11.50
CA LEU A 36 -13.89 -8.85 -10.74
C LEU A 36 -12.82 -8.09 -11.54
N PHE A 37 -12.37 -8.61 -12.68
CA PHE A 37 -11.39 -7.91 -13.53
C PHE A 37 -11.75 -8.11 -15.00
N CYS A 38 -11.82 -7.02 -15.75
CA CYS A 38 -11.80 -7.13 -17.22
CA CYS A 38 -11.99 -7.05 -17.23
C CYS A 38 -11.29 -5.84 -17.84
N MET A 39 -10.67 -6.01 -19.00
CA MET A 39 -10.22 -4.93 -19.90
C MET A 39 -11.26 -4.83 -21.02
N VAL A 40 -11.86 -3.66 -21.18
CA VAL A 40 -12.96 -3.45 -22.17
C VAL A 40 -12.48 -2.49 -23.25
N GLN A 41 -12.36 -2.98 -24.47
CA GLN A 41 -11.94 -2.11 -25.59
C GLN A 41 -13.08 -1.12 -25.87
N LEU A 42 -12.76 0.17 -25.91
CA LEU A 42 -13.74 1.25 -26.20
C LEU A 42 -14.02 1.31 -27.71
N GLU A 43 -15.26 1.67 -28.01
CA GLU A 43 -15.76 1.91 -29.37
C GLU A 43 -15.29 3.29 -29.82
N PRO A 44 -14.49 3.42 -30.90
CA PRO A 44 -14.14 4.74 -31.43
C PRO A 44 -15.39 5.55 -31.82
N GLY A 45 -15.33 6.86 -31.57
CA GLY A 45 -16.36 7.83 -31.99
C GLY A 45 -17.47 7.97 -30.95
N GLN A 46 -17.47 7.13 -29.90
CA GLN A 46 -18.42 7.30 -28.77
C GLN A 46 -17.79 8.21 -27.73
N SER A 47 -18.64 8.81 -26.90
CA SER A 47 -18.32 9.93 -25.98
C SER A 47 -17.10 9.59 -25.11
N GLU A 48 -17.03 8.35 -24.62
CA GLU A 48 -15.97 7.95 -23.67
C GLU A 48 -14.62 7.88 -24.39
N TYR A 49 -14.55 7.16 -25.51
CA TYR A 49 -13.33 7.05 -26.33
C TYR A 49 -12.87 8.46 -26.74
N ASN A 50 -13.82 9.30 -27.19
CA ASN A 50 -13.52 10.66 -27.69
C ASN A 50 -12.88 11.48 -26.56
N THR A 51 -13.42 11.38 -25.36
CA THR A 51 -12.96 12.15 -24.18
C THR A 51 -11.52 11.76 -23.86
N ILE A 52 -11.22 10.46 -23.83
CA ILE A 52 -9.86 9.99 -23.47
C ILE A 52 -8.91 10.31 -24.62
N LYS A 53 -9.33 10.10 -25.87
CA LYS A 53 -8.48 10.40 -27.05
C LYS A 53 -8.09 11.89 -26.99
N ASP A 54 -9.02 12.79 -26.67
CA ASP A 54 -8.76 14.25 -26.68
C ASP A 54 -7.70 14.59 -25.62
N LYS A 55 -7.75 13.93 -24.45
CA LYS A 55 -6.79 14.20 -23.32
C LYS A 55 -5.38 13.85 -23.81
N PHE A 56 -5.26 12.77 -24.56
CA PHE A 56 -3.98 12.31 -25.14
C PHE A 56 -3.55 13.25 -26.28
N THR A 57 -4.47 13.56 -27.20
CA THR A 57 -4.09 14.30 -28.43
C THR A 57 -3.79 15.76 -28.12
N ARG A 58 -4.17 16.25 -26.93
CA ARG A 58 -3.79 17.62 -26.47
C ARG A 58 -2.28 17.81 -26.66
N THR A 59 -1.47 16.78 -26.41
CA THR A 59 0.01 16.88 -26.49
C THR A 59 0.64 15.82 -27.39
N CYS A 60 -0.10 14.80 -27.85
CA CYS A 60 0.42 13.66 -28.63
C CYS A 60 -0.33 13.51 -29.96
N SER A 61 -0.67 14.61 -30.64
CA SER A 61 -1.48 14.55 -31.89
C SER A 61 -0.68 13.90 -33.01
N SER A 62 0.66 13.78 -32.89
CA SER A 62 1.53 13.20 -33.94
C SER A 62 1.61 11.68 -33.82
N TYR A 63 1.03 11.10 -32.76
CA TYR A 63 1.05 9.64 -32.52
C TYR A 63 -0.22 9.03 -33.12
N ALA A 64 -0.21 7.73 -33.39
CA ALA A 64 -1.36 6.97 -33.91
C ALA A 64 -1.92 6.10 -32.78
N ILE A 65 -3.19 6.29 -32.44
CA ILE A 65 -3.89 5.44 -31.43
C ILE A 65 -4.40 4.17 -32.11
N GLU A 66 -3.99 3.01 -31.57
CA GLU A 66 -4.45 1.67 -32.04
CA GLU A 66 -4.47 1.69 -32.07
C GLU A 66 -5.72 1.30 -31.29
N LYS A 67 -5.74 1.48 -29.97
CA LYS A 67 -6.97 1.22 -29.19
C LYS A 67 -6.87 1.87 -27.83
N ILE A 68 -8.02 2.01 -27.19
CA ILE A 68 -8.15 2.50 -25.79
C ILE A 68 -9.00 1.45 -25.06
N GLU A 69 -8.51 0.98 -23.93
CA GLU A 69 -9.24 0.00 -23.10
C GLU A 69 -9.59 0.62 -21.75
N ARG A 70 -10.80 0.36 -21.30
CA ARG A 70 -11.27 0.71 -19.94
C ARG A 70 -10.82 -0.42 -19.01
N ILE A 71 -10.14 -0.06 -17.94
CA ILE A 71 -9.68 -1.03 -16.91
C ILE A 71 -10.77 -1.13 -15.84
N GLN A 72 -11.37 -2.30 -15.73
CA GLN A 72 -12.44 -2.58 -14.74
C GLN A 72 -11.83 -3.56 -13.72
N ASN A 73 -11.18 -3.02 -12.70
CA ASN A 73 -10.54 -3.82 -11.64
C ASN A 73 -11.28 -3.50 -10.34
N ALA A 74 -12.22 -4.36 -9.93
CA ALA A 74 -13.14 -4.05 -8.81
C ALA A 74 -12.33 -3.83 -7.53
N PHE A 75 -11.35 -4.68 -7.25
CA PHE A 75 -10.58 -4.60 -5.99
C PHE A 75 -9.74 -3.32 -5.94
N LEU A 76 -9.03 -2.99 -7.01
CA LEU A 76 -8.22 -1.74 -7.03
C LEU A 76 -9.13 -0.55 -6.88
N TRP A 77 -10.30 -0.60 -7.52
CA TRP A 77 -11.25 0.53 -7.47
C TRP A 77 -11.71 0.72 -6.02
N GLN A 78 -12.13 -0.38 -5.37
CA GLN A 78 -12.60 -0.39 -3.95
CA GLN A 78 -12.64 -0.29 -3.98
C GLN A 78 -11.54 0.29 -3.05
N SER A 79 -10.31 -0.18 -3.15
CA SER A 79 -9.22 0.30 -2.28
C SER A 79 -8.95 1.78 -2.56
N TYR A 80 -8.98 2.17 -3.83
CA TYR A 80 -8.77 3.58 -4.24
C TYR A 80 -9.89 4.46 -3.69
N GLN A 81 -11.15 4.02 -3.84
CA GLN A 81 -12.32 4.84 -3.42
C GLN A 81 -12.30 5.01 -1.90
N VAL A 82 -11.84 4.01 -1.16
CA VAL A 82 -11.67 4.14 0.32
C VAL A 82 -10.66 5.25 0.60
N LYS A 83 -9.52 5.22 -0.07
CA LYS A 83 -8.47 6.26 0.14
C LYS A 83 -9.02 7.63 -0.27
N LYS A 84 -9.80 7.71 -1.34
CA LYS A 84 -10.37 9.00 -1.77
C LYS A 84 -11.29 9.54 -0.68
N ARG A 85 -12.18 8.70 -0.13
N ARG A 85 -12.20 8.69 -0.17
CA ARG A 85 -13.15 9.16 0.90
CA ARG A 85 -13.14 9.05 0.92
C ARG A 85 -12.36 9.62 2.13
C ARG A 85 -12.34 9.63 2.09
N GLN A 86 -11.26 8.93 2.48
CA GLN A 86 -10.42 9.33 3.64
C GLN A 86 -9.78 10.69 3.36
N MET A 87 -9.23 10.86 2.16
CA MET A 87 -8.48 12.09 1.83
C MET A 87 -9.48 13.27 1.78
N ASP A 88 -10.69 13.03 1.30
CA ASP A 88 -11.78 14.06 1.26
C ASP A 88 -12.09 14.50 2.70
N ILE A 89 -12.13 13.57 3.67
CA ILE A 89 -12.36 13.90 5.11
C ILE A 89 -11.14 14.67 5.65
N LYS A 90 -9.95 14.13 5.44
CA LYS A 90 -8.69 14.65 6.03
C LYS A 90 -8.47 16.09 5.56
N ASN A 91 -8.70 16.36 4.28
CA ASN A 91 -8.38 17.67 3.65
C ASN A 91 -9.58 18.62 3.76
N ASP A 92 -10.68 18.16 4.34
CA ASP A 92 -11.87 18.98 4.70
C ASP A 92 -12.52 19.47 3.39
N HIS A 93 -13.01 18.51 2.60
CA HIS A 93 -13.50 18.66 1.20
C HIS A 93 -12.28 18.59 0.26
N LYS A 94 -12.12 19.63 -0.57
CA LYS A 94 -11.05 19.76 -1.59
C LYS A 94 -11.25 18.72 -2.69
N ASN A 95 -11.04 19.11 -3.95
CA ASN A 95 -10.89 18.14 -5.07
C ASN A 95 -9.48 17.57 -4.95
N ASN A 96 -9.36 16.31 -4.55
CA ASN A 96 -8.05 15.71 -4.25
C ASN A 96 -7.53 14.88 -5.42
N GLU A 97 -8.30 14.77 -6.50
CA GLU A 97 -8.05 13.88 -7.65
C GLU A 97 -7.61 14.67 -8.89
N ARG A 98 -6.65 14.13 -9.63
CA ARG A 98 -6.18 14.62 -10.94
C ARG A 98 -6.15 13.42 -11.90
N LEU A 99 -6.33 13.67 -13.17
CA LEU A 99 -6.18 12.65 -14.22
C LEU A 99 -4.81 12.86 -14.86
N LEU A 100 -3.93 11.88 -14.70
CA LEU A 100 -2.53 11.97 -15.12
C LEU A 100 -2.17 10.78 -16.02
N PHE A 101 -0.96 10.78 -16.57
CA PHE A 101 -0.48 9.78 -17.52
C PHE A 101 0.69 9.00 -16.92
N HIS A 102 0.78 7.75 -17.32
CA HIS A 102 1.92 6.90 -16.94
C HIS A 102 2.26 5.96 -18.08
N GLY A 103 3.42 6.16 -18.69
CA GLY A 103 3.97 5.26 -19.72
C GLY A 103 4.57 4.05 -19.04
N THR A 104 4.36 2.88 -19.60
CA THR A 104 4.97 1.63 -19.05
C THR A 104 5.46 0.78 -20.21
N ASP A 105 6.42 -0.10 -19.93
CA ASP A 105 6.86 -1.11 -20.91
C ASP A 105 5.78 -2.20 -20.97
N ALA A 106 5.70 -2.86 -22.12
CA ALA A 106 4.70 -3.91 -22.42
C ALA A 106 4.74 -4.99 -21.34
N ASP A 107 5.92 -5.33 -20.83
CA ASP A 107 6.11 -6.46 -19.89
C ASP A 107 5.48 -6.17 -18.53
N SER A 108 5.25 -4.90 -18.19
CA SER A 108 4.64 -4.47 -16.89
C SER A 108 3.11 -4.31 -17.00
N VAL A 109 2.54 -4.29 -18.21
CA VAL A 109 1.10 -3.96 -18.39
C VAL A 109 0.21 -4.98 -17.67
N PRO A 110 0.43 -6.31 -17.80
CA PRO A 110 -0.40 -7.27 -17.06
C PRO A 110 -0.38 -7.05 -15.53
N TYR A 111 0.78 -6.76 -14.96
CA TYR A 111 0.91 -6.50 -13.51
C TYR A 111 0.10 -5.26 -13.16
N VAL A 112 0.28 -4.16 -13.91
CA VAL A 112 -0.39 -2.88 -13.56
C VAL A 112 -1.90 -3.06 -13.70
N ASN A 113 -2.36 -3.72 -14.75
CA ASN A 113 -3.83 -3.90 -14.93
C ASN A 113 -4.43 -4.57 -13.71
N GLN A 114 -3.74 -5.57 -13.14
CA GLN A 114 -4.26 -6.39 -12.02
CA GLN A 114 -4.24 -6.40 -12.02
C GLN A 114 -3.93 -5.77 -10.65
N HIS A 115 -2.75 -5.16 -10.51
CA HIS A 115 -2.24 -4.76 -9.17
C HIS A 115 -2.00 -3.25 -9.02
N GLY A 116 -2.13 -2.49 -10.10
CA GLY A 116 -1.85 -1.05 -10.09
C GLY A 116 -0.36 -0.76 -9.98
N PHE A 117 -0.05 0.38 -9.39
CA PHE A 117 1.31 0.96 -9.44
C PHE A 117 2.01 0.70 -8.12
N ASN A 118 3.24 0.19 -8.23
CA ASN A 118 4.06 -0.30 -7.10
C ASN A 118 5.40 0.43 -7.10
N ARG A 119 5.63 1.24 -6.07
CA ARG A 119 6.87 2.03 -5.93
C ARG A 119 8.08 1.09 -5.80
N SER A 120 7.88 -0.17 -5.41
CA SER A 120 9.01 -1.11 -5.20
C SER A 120 9.52 -1.69 -6.53
N CYS A 121 8.87 -1.38 -7.66
CA CYS A 121 9.21 -1.93 -9.01
C CYS A 121 10.00 -0.94 -9.87
N ASN A 125 14.89 4.47 -14.07
CA ASN A 125 14.67 5.90 -14.44
C ASN A 125 14.98 6.78 -13.21
N ALA A 126 15.14 8.09 -13.44
CA ALA A 126 15.41 9.11 -12.41
C ALA A 126 14.26 9.13 -11.39
N VAL A 127 14.60 9.14 -10.11
CA VAL A 127 13.66 9.26 -8.95
C VAL A 127 14.06 10.49 -8.14
N SER A 128 14.39 11.58 -8.86
CA SER A 128 14.91 12.86 -8.37
C SER A 128 13.93 13.52 -7.41
N TYR A 129 12.62 13.22 -7.42
CA TYR A 129 11.65 13.91 -6.53
C TYR A 129 11.14 12.95 -5.46
N GLY A 130 11.73 11.75 -5.35
CA GLY A 130 11.38 10.77 -4.33
C GLY A 130 11.17 9.37 -4.90
N LYS A 131 11.23 8.39 -4.02
CA LYS A 131 11.07 6.95 -4.34
C LYS A 131 9.58 6.59 -4.27
N GLY A 132 8.84 7.07 -5.25
CA GLY A 132 7.42 6.73 -5.42
C GLY A 132 7.11 6.44 -6.86
N THR A 133 5.83 6.42 -7.18
CA THR A 133 5.36 6.22 -8.56
C THR A 133 5.13 7.61 -9.16
N TYR A 134 5.63 7.79 -10.38
CA TYR A 134 5.61 9.07 -11.11
C TYR A 134 4.46 9.08 -12.10
N PHE A 135 3.78 10.23 -12.17
CA PHE A 135 2.67 10.47 -13.13
C PHE A 135 2.88 11.83 -13.77
N ALA A 136 2.67 11.92 -15.07
CA ALA A 136 2.88 13.16 -15.84
C ALA A 136 1.55 13.87 -16.08
N VAL A 137 1.61 15.19 -16.06
CA VAL A 137 0.48 16.07 -16.46
C VAL A 137 0.24 15.93 -17.97
N ASP A 138 1.30 15.89 -18.77
CA ASP A 138 1.19 15.83 -20.24
C ASP A 138 1.45 14.42 -20.77
N ALA A 139 0.59 13.89 -21.64
CA ALA A 139 0.82 12.59 -22.31
C ALA A 139 2.18 12.61 -23.01
N SER A 140 2.58 13.75 -23.57
CA SER A 140 3.86 13.90 -24.31
C SER A 140 5.04 13.44 -23.46
N TYR A 141 4.99 13.70 -22.14
CA TYR A 141 6.11 13.32 -21.24
C TYR A 141 6.16 11.80 -21.12
N SER A 142 5.00 11.19 -20.85
CA SER A 142 4.84 9.72 -20.70
C SER A 142 5.13 9.00 -22.03
N ALA A 143 5.01 9.71 -23.16
CA ALA A 143 5.19 9.16 -24.52
C ALA A 143 6.68 8.98 -24.83
N LYS A 144 7.59 9.51 -24.01
CA LYS A 144 9.05 9.29 -24.20
C LYS A 144 9.33 7.78 -24.21
N ASP A 145 10.20 7.32 -25.09
CA ASP A 145 10.56 5.88 -25.20
C ASP A 145 11.13 5.37 -23.86
N THR A 146 11.76 6.23 -23.03
CA THR A 146 12.30 5.79 -21.72
C THR A 146 11.18 5.32 -20.78
N TYR A 147 9.93 5.76 -20.99
CA TYR A 147 8.78 5.39 -20.14
C TYR A 147 7.88 4.38 -20.86
N SER A 148 7.29 4.78 -21.99
CA SER A 148 6.44 3.91 -22.84
C SER A 148 7.33 3.22 -23.88
N LYS A 149 8.20 2.32 -23.43
CA LYS A 149 9.19 1.61 -24.29
C LYS A 149 8.46 0.92 -25.44
N PRO A 150 8.80 1.19 -26.73
CA PRO A 150 8.19 0.45 -27.83
C PRO A 150 8.50 -1.05 -27.71
N ASP A 151 7.49 -1.91 -27.88
CA ASP A 151 7.62 -3.39 -27.83
C ASP A 151 8.17 -3.84 -29.18
N SER A 152 8.39 -5.15 -29.35
CA SER A 152 9.05 -5.74 -30.54
C SER A 152 8.27 -5.40 -31.82
N ASN A 153 7.00 -4.96 -31.69
CA ASN A 153 6.11 -4.56 -32.82
C ASN A 153 6.00 -3.04 -32.94
N GLY A 154 6.72 -2.26 -32.14
CA GLY A 154 6.67 -0.77 -32.16
C GLY A 154 5.51 -0.20 -31.33
N ARG A 155 4.72 -1.05 -30.67
CA ARG A 155 3.54 -0.59 -29.88
C ARG A 155 4.03 0.02 -28.56
N LYS A 156 3.48 1.18 -28.23
CA LYS A 156 3.76 1.90 -26.96
C LYS A 156 2.49 1.85 -26.11
N HIS A 157 2.65 1.90 -24.79
CA HIS A 157 1.54 1.74 -23.82
C HIS A 157 1.59 2.86 -22.80
N MET A 158 0.45 3.50 -22.59
CA MET A 158 0.34 4.60 -21.59
C MET A 158 -1.01 4.47 -20.87
N TYR A 159 -0.99 4.60 -19.55
CA TYR A 159 -2.22 4.62 -18.74
C TYR A 159 -2.68 6.06 -18.57
N VAL A 160 -4.00 6.21 -18.50
CA VAL A 160 -4.69 7.40 -17.96
C VAL A 160 -5.12 6.98 -16.56
N VAL A 161 -4.68 7.74 -15.57
CA VAL A 161 -4.70 7.33 -14.14
C VAL A 161 -5.43 8.37 -13.31
N ARG A 162 -6.35 7.92 -12.47
CA ARG A 162 -6.93 8.77 -11.42
C ARG A 162 -5.90 8.77 -10.29
N VAL A 163 -5.38 9.93 -9.94
CA VAL A 163 -4.36 10.05 -8.87
C VAL A 163 -4.86 10.96 -7.76
N LEU A 164 -4.75 10.49 -6.52
CA LEU A 164 -5.09 11.30 -5.33
C LEU A 164 -3.87 12.15 -4.97
N THR A 165 -3.65 13.22 -5.72
CA THR A 165 -2.55 14.19 -5.51
C THR A 165 -2.79 15.02 -4.23
N GLY A 166 -4.05 15.26 -3.87
CA GLY A 166 -4.40 16.01 -2.67
C GLY A 166 -3.61 17.29 -2.51
N VAL A 167 -3.08 17.52 -1.31
CA VAL A 167 -2.27 18.72 -0.99
C VAL A 167 -0.84 18.32 -1.27
N PHE A 168 -0.13 19.08 -2.07
CA PHE A 168 1.23 18.67 -2.51
C PHE A 168 2.25 19.77 -2.23
N THR A 169 3.51 19.35 -2.25
CA THR A 169 4.69 20.21 -2.02
C THR A 169 5.79 19.76 -2.98
N LYS A 170 6.85 20.54 -3.08
CA LYS A 170 7.99 20.18 -3.94
C LYS A 170 8.69 18.95 -3.34
N GLY A 171 9.01 17.99 -4.19
CA GLY A 171 9.77 16.80 -3.80
C GLY A 171 11.26 17.05 -3.81
N ARG A 172 12.00 16.01 -3.44
CA ARG A 172 13.48 16.01 -3.44
CA ARG A 172 13.48 16.00 -3.50
C ARG A 172 13.94 14.54 -3.45
N ALA A 173 15.19 14.32 -3.82
CA ALA A 173 15.77 12.97 -3.95
C ALA A 173 15.75 12.30 -2.57
N GLY A 174 15.40 11.02 -2.57
CA GLY A 174 15.55 10.15 -1.39
C GLY A 174 14.33 10.15 -0.49
N LEU A 175 13.29 10.95 -0.76
CA LEU A 175 12.02 10.83 0.01
C LEU A 175 11.48 9.41 -0.14
N VAL A 176 11.03 8.81 0.96
CA VAL A 176 10.27 7.52 0.92
C VAL A 176 8.78 7.79 1.20
N THR A 177 8.43 8.95 1.75
CA THR A 177 7.04 9.44 1.94
C THR A 177 7.02 10.94 1.67
N PRO A 178 5.85 11.56 1.46
CA PRO A 178 5.84 13.01 1.33
C PRO A 178 6.29 13.62 2.67
N PRO A 179 6.83 14.86 2.63
CA PRO A 179 7.21 15.57 3.83
C PRO A 179 6.01 15.89 4.69
N PRO A 180 6.24 16.20 5.99
CA PRO A 180 5.17 16.71 6.84
C PRO A 180 4.72 18.11 6.41
N LYS A 181 3.43 18.41 6.60
CA LYS A 181 2.83 19.74 6.30
C LYS A 181 3.38 20.78 7.29
N ASN A 182 3.76 20.35 8.49
CA ASN A 182 4.38 21.20 9.54
C ASN A 182 5.35 20.32 10.34
N PRO A 183 6.67 20.64 10.40
CA PRO A 183 7.62 19.77 11.08
C PRO A 183 7.33 19.57 12.57
N HIS A 184 6.48 20.42 13.18
CA HIS A 184 6.01 20.29 14.59
C HIS A 184 5.06 19.10 14.73
N ASN A 185 4.38 18.67 13.65
CA ASN A 185 3.53 17.45 13.59
C ASN A 185 4.06 16.54 12.48
N PRO A 186 5.18 15.81 12.74
CA PRO A 186 5.88 15.10 11.68
C PRO A 186 5.12 13.94 11.02
N THR A 187 3.97 13.54 11.55
CA THR A 187 3.17 12.42 10.98
C THR A 187 2.00 12.94 10.13
N ASP A 188 1.75 14.24 10.09
CA ASP A 188 0.65 14.81 9.25
C ASP A 188 1.26 15.21 7.91
N LEU A 189 1.13 14.36 6.90
CA LEU A 189 1.93 14.46 5.65
C LEU A 189 1.18 15.15 4.52
N PHE A 190 1.94 15.74 3.60
CA PHE A 190 1.43 16.05 2.25
C PHE A 190 0.94 14.75 1.63
N ASP A 191 0.04 14.84 0.66
CA ASP A 191 -0.53 13.67 -0.05
C ASP A 191 0.40 13.22 -1.17
N SER A 192 1.12 14.16 -1.76
CA SER A 192 2.00 13.87 -2.93
C SER A 192 3.08 14.93 -3.02
N VAL A 193 4.05 14.71 -3.88
CA VAL A 193 5.05 15.77 -4.18
C VAL A 193 5.10 16.00 -5.69
N THR A 194 5.70 17.12 -6.06
CA THR A 194 5.78 17.55 -7.47
C THR A 194 7.15 18.14 -7.75
N ASN A 195 7.43 18.39 -9.02
CA ASN A 195 8.67 19.08 -9.43
C ASN A 195 8.53 20.59 -9.17
N ASN A 196 7.33 21.13 -9.23
CA ASN A 196 7.09 22.59 -9.23
C ASN A 196 5.66 22.84 -8.71
N THR A 197 5.49 23.46 -7.53
CA THR A 197 4.16 23.59 -6.91
C THR A 197 3.26 24.55 -7.68
N ARG A 198 3.83 25.61 -8.26
CA ARG A 198 3.07 26.67 -8.97
C ARG A 198 2.58 26.13 -10.33
N SER A 199 3.40 25.32 -11.01
CA SER A 199 3.15 24.85 -12.39
C SER A 199 3.64 23.40 -12.48
N PRO A 200 2.94 22.47 -11.82
CA PRO A 200 3.39 21.08 -11.78
C PRO A 200 3.34 20.40 -13.15
N LYS A 201 4.36 19.59 -13.45
CA LYS A 201 4.33 18.72 -14.65
C LYS A 201 4.39 17.25 -14.28
N LEU A 202 4.79 16.92 -13.05
CA LEU A 202 4.76 15.52 -12.58
C LEU A 202 4.36 15.50 -11.11
N PHE A 203 3.79 14.38 -10.73
CA PHE A 203 3.40 14.09 -9.33
C PHE A 203 3.97 12.73 -8.98
N VAL A 204 4.34 12.61 -7.71
CA VAL A 204 4.85 11.35 -7.13
C VAL A 204 3.94 11.00 -5.95
N VAL A 205 3.45 9.77 -5.93
CA VAL A 205 2.70 9.22 -4.76
C VAL A 205 3.49 8.03 -4.22
N PHE A 206 3.36 7.82 -2.92
CA PHE A 206 4.26 6.92 -2.18
C PHE A 206 3.52 5.77 -1.54
N PHE A 207 2.22 5.64 -1.81
CA PHE A 207 1.37 4.60 -1.19
C PHE A 207 0.52 3.91 -2.25
N ASP A 208 0.14 2.65 -2.02
N ASP A 208 0.37 2.62 -1.99
CA ASP A 208 -0.47 1.80 -3.09
CA ASP A 208 -0.55 1.71 -2.72
C ASP A 208 -1.87 2.31 -3.51
C ASP A 208 -1.93 2.35 -2.63
N ASN A 209 -2.68 2.81 -2.57
N ASN A 209 -2.64 2.32 -3.75
CA ASN A 209 -4.12 3.02 -2.82
CA ASN A 209 -4.09 2.62 -3.80
C ASN A 209 -4.36 4.39 -3.46
C ASN A 209 -4.33 4.15 -3.73
N GLN A 210 -3.32 5.00 -4.03
CA GLN A 210 -3.47 6.45 -4.35
C GLN A 210 -3.57 6.67 -5.84
N ALA A 211 -3.56 5.60 -6.64
CA ALA A 211 -3.61 5.73 -8.11
C ALA A 211 -4.44 4.59 -8.68
N TYR A 212 -5.43 4.89 -9.50
CA TYR A 212 -6.27 3.87 -10.15
C TYR A 212 -6.05 3.96 -11.66
N PRO A 213 -5.50 2.90 -12.30
CA PRO A 213 -5.30 2.92 -13.75
C PRO A 213 -6.67 2.76 -14.42
N GLU A 214 -7.16 3.81 -15.08
CA GLU A 214 -8.56 3.86 -15.57
C GLU A 214 -8.62 3.44 -17.04
N TYR A 215 -7.68 3.86 -17.87
CA TYR A 215 -7.63 3.53 -19.31
C TYR A 215 -6.19 3.18 -19.69
N LEU A 216 -6.08 2.29 -20.66
CA LEU A 216 -4.80 1.92 -21.29
C LEU A 216 -4.89 2.28 -22.77
N ILE A 217 -4.00 3.16 -23.18
CA ILE A 217 -3.85 3.59 -24.59
C ILE A 217 -2.70 2.80 -25.22
N THR A 218 -2.99 2.12 -26.32
CA THR A 218 -1.95 1.46 -27.16
C THR A 218 -1.78 2.33 -28.40
N PHE A 219 -0.55 2.76 -28.70
CA PHE A 219 -0.29 3.78 -29.73
C PHE A 219 1.09 3.57 -30.34
N THR A 220 1.35 4.25 -31.46
CA THR A 220 2.65 4.21 -32.20
C THR A 220 3.10 5.64 -32.53
N ALA A 221 4.40 5.82 -32.74
CA ALA A 221 5.02 7.12 -33.10
C ALA A 221 4.75 7.50 -34.56
N LEU B 25 -16.72 0.74 12.48
CA LEU B 25 -15.60 0.48 13.45
C LEU B 25 -16.06 -0.53 14.49
N PRO B 26 -15.15 -1.31 15.09
CA PRO B 26 -15.55 -2.34 16.06
C PRO B 26 -16.25 -1.76 17.30
N GLU B 27 -17.29 -2.44 17.77
CA GLU B 27 -18.13 -1.93 18.89
C GLU B 27 -17.37 -1.97 20.22
N HIS B 28 -16.25 -2.71 20.30
CA HIS B 28 -15.41 -2.86 21.54
CA HIS B 28 -15.43 -2.85 21.55
C HIS B 28 -14.58 -1.59 21.74
N TRP B 29 -14.39 -0.80 20.68
CA TRP B 29 -13.54 0.40 20.74
C TRP B 29 -14.18 1.45 21.64
N THR B 30 -13.36 2.26 22.29
CA THR B 30 -13.85 3.47 22.99
C THR B 30 -14.44 4.43 21.93
N ASP B 31 -15.49 5.14 22.32
CA ASP B 31 -16.05 6.28 21.54
C ASP B 31 -14.92 7.30 21.39
N MET B 32 -14.60 7.67 20.15
CA MET B 32 -13.52 8.62 19.85
C MET B 32 -14.08 10.01 19.53
N ASN B 33 -15.39 10.20 19.69
CA ASN B 33 -16.09 11.50 19.54
C ASN B 33 -15.63 12.17 18.23
N HIS B 34 -15.81 11.47 17.10
CA HIS B 34 -15.58 12.00 15.73
C HIS B 34 -14.08 12.04 15.38
N GLN B 35 -13.18 11.74 16.33
CA GLN B 35 -11.71 11.72 16.09
C GLN B 35 -11.33 10.39 15.44
N LEU B 36 -10.20 10.38 14.71
CA LEU B 36 -9.84 9.28 13.77
C LEU B 36 -8.83 8.33 14.41
N PHE B 37 -8.32 8.69 15.58
CA PHE B 37 -7.15 7.98 16.16
C PHE B 37 -7.12 8.13 17.67
N CYS B 38 -6.84 7.04 18.37
CA CYS B 38 -6.68 7.02 19.85
CA CYS B 38 -6.42 7.14 19.78
C CYS B 38 -5.85 5.81 20.24
N MET B 39 -5.01 5.93 21.26
CA MET B 39 -4.36 4.80 21.95
C MET B 39 -5.08 4.63 23.28
N VAL B 40 -5.58 3.42 23.54
CA VAL B 40 -6.36 3.09 24.76
C VAL B 40 -5.52 2.16 25.66
N GLN B 41 -5.24 2.63 26.86
CA GLN B 41 -4.47 1.86 27.85
C GLN B 41 -5.38 0.77 28.41
N LEU B 42 -4.95 -0.48 28.30
CA LEU B 42 -5.71 -1.64 28.82
C LEU B 42 -5.40 -1.88 30.29
N GLU B 43 -6.33 -2.53 30.97
CA GLU B 43 -6.24 -2.82 32.42
C GLU B 43 -5.88 -4.29 32.60
N PRO B 44 -4.83 -4.59 33.38
CA PRO B 44 -4.57 -5.97 33.79
C PRO B 44 -5.82 -6.58 34.43
N GLY B 45 -6.04 -7.87 34.20
CA GLY B 45 -7.24 -8.57 34.74
C GLY B 45 -8.35 -8.63 33.71
N GLN B 46 -8.41 -7.68 32.77
CA GLN B 46 -9.32 -7.79 31.61
C GLN B 46 -8.81 -8.90 30.68
N SER B 47 -9.70 -9.72 30.15
CA SER B 47 -9.37 -10.79 29.16
C SER B 47 -8.49 -10.21 28.04
N GLU B 48 -8.79 -9.00 27.59
CA GLU B 48 -8.10 -8.42 26.40
C GLU B 48 -6.60 -8.21 26.72
N TYR B 49 -6.30 -7.61 27.87
CA TYR B 49 -4.90 -7.44 28.34
C TYR B 49 -4.27 -8.81 28.56
N ASN B 50 -4.99 -9.68 29.26
CA ASN B 50 -4.40 -10.96 29.71
C ASN B 50 -4.03 -11.82 28.51
N THR B 51 -4.85 -11.86 27.45
CA THR B 51 -4.56 -12.71 26.26
CA THR B 51 -4.59 -12.67 26.24
C THR B 51 -3.27 -12.21 25.58
N ILE B 52 -3.09 -10.91 25.47
CA ILE B 52 -1.85 -10.37 24.84
C ILE B 52 -0.67 -10.64 25.77
N LYS B 53 -0.83 -10.39 27.06
CA LYS B 53 0.28 -10.68 28.00
C LYS B 53 0.66 -12.16 27.87
N ASP B 54 -0.30 -13.07 27.83
CA ASP B 54 0.02 -14.52 27.75
C ASP B 54 0.72 -14.82 26.42
N LYS B 55 0.27 -14.22 25.33
CA LYS B 55 0.86 -14.50 23.99
C LYS B 55 2.34 -14.05 24.00
N PHE B 56 2.61 -12.91 24.62
CA PHE B 56 3.96 -12.35 24.78
C PHE B 56 4.80 -13.25 25.69
N THR B 57 4.28 -13.59 26.88
CA THR B 57 5.06 -14.29 27.93
C THR B 57 5.32 -15.74 27.51
N ARG B 58 4.57 -16.29 26.55
CA ARG B 58 4.80 -17.67 26.03
C ARG B 58 6.29 -17.78 25.64
N THR B 59 6.89 -16.75 25.06
CA THR B 59 8.31 -16.80 24.61
C THR B 59 9.16 -15.67 25.20
N CYS B 60 8.59 -14.70 25.93
CA CYS B 60 9.34 -13.55 26.52
CA CYS B 60 9.32 -13.54 26.51
C CYS B 60 9.16 -13.45 28.04
N SER B 61 9.17 -14.57 28.74
CA SER B 61 8.93 -14.59 30.22
C SER B 61 10.01 -13.84 31.00
N SER B 62 11.21 -13.59 30.43
CA SER B 62 12.30 -12.87 31.15
C SER B 62 12.09 -11.35 31.14
N TYR B 63 11.22 -10.82 30.26
CA TYR B 63 10.91 -9.38 30.16
C TYR B 63 9.67 -9.11 30.99
N ALA B 64 9.41 -7.86 31.31
CA ALA B 64 8.23 -7.43 32.07
C ALA B 64 7.49 -6.34 31.29
N ILE B 65 6.19 -6.50 31.19
CA ILE B 65 5.33 -5.51 30.48
C ILE B 65 5.11 -4.29 31.36
N GLU B 66 5.36 -3.12 30.81
CA GLU B 66 4.99 -1.83 31.44
C GLU B 66 3.50 -1.57 31.17
N LYS B 67 3.09 -1.62 29.90
CA LYS B 67 1.68 -1.35 29.56
C LYS B 67 1.37 -1.94 28.18
N ILE B 68 0.08 -2.09 27.92
CA ILE B 68 -0.45 -2.55 26.62
C ILE B 68 -1.51 -1.54 26.20
N GLU B 69 -1.34 -1.00 24.99
CA GLU B 69 -2.29 -0.01 24.45
C GLU B 69 -2.96 -0.59 23.22
N ARG B 70 -4.29 -0.47 23.17
CA ARG B 70 -5.08 -0.78 21.96
C ARG B 70 -4.96 0.40 21.00
N ILE B 71 -4.60 0.11 19.75
CA ILE B 71 -4.49 1.13 18.68
C ILE B 71 -5.82 1.20 17.96
N GLN B 72 -6.46 2.35 18.04
CA GLN B 72 -7.75 2.64 17.35
C GLN B 72 -7.44 3.65 16.25
N ASN B 73 -7.18 3.14 15.04
CA ASN B 73 -6.84 4.00 13.88
C ASN B 73 -7.91 3.73 12.82
N ALA B 74 -8.89 4.62 12.71
CA ALA B 74 -10.08 4.36 11.87
C ALA B 74 -9.67 4.12 10.41
N PHE B 75 -8.84 4.99 9.86
CA PHE B 75 -8.47 4.91 8.42
C PHE B 75 -7.65 3.64 8.16
N LEU B 76 -6.66 3.31 8.99
CA LEU B 76 -5.86 2.08 8.75
C LEU B 76 -6.80 0.87 8.85
N TRP B 77 -7.74 0.90 9.80
CA TRP B 77 -8.67 -0.22 10.01
C TRP B 77 -9.50 -0.39 8.75
N GLN B 78 -10.06 0.71 8.24
CA GLN B 78 -10.93 0.66 7.04
CA GLN B 78 -10.94 0.65 7.04
C GLN B 78 -10.16 0.03 5.87
N SER B 79 -8.95 0.51 5.61
CA SER B 79 -8.19 0.04 4.42
C SER B 79 -7.80 -1.42 4.62
N TYR B 80 -7.42 -1.81 5.83
CA TYR B 80 -7.06 -3.20 6.16
C TYR B 80 -8.27 -4.12 5.97
N GLN B 81 -9.43 -3.71 6.50
CA GLN B 81 -10.65 -4.56 6.42
C GLN B 81 -11.08 -4.72 4.96
N VAL B 82 -10.90 -3.71 4.12
CA VAL B 82 -11.20 -3.87 2.67
C VAL B 82 -10.27 -4.94 2.06
N LYS B 83 -8.99 -4.89 2.39
CA LYS B 83 -8.02 -5.90 1.86
C LYS B 83 -8.35 -7.28 2.40
N LYS B 84 -8.79 -7.38 3.65
CA LYS B 84 -9.15 -8.70 4.21
C LYS B 84 -10.37 -9.25 3.47
N ARG B 85 -11.39 -8.42 3.25
CA ARG B 85 -12.61 -8.90 2.55
C ARG B 85 -12.21 -9.39 1.15
N GLN B 86 -11.34 -8.65 0.49
CA GLN B 86 -10.87 -9.03 -0.86
C GLN B 86 -10.13 -10.37 -0.81
N MET B 87 -9.27 -10.57 0.17
CA MET B 87 -8.51 -11.85 0.26
C MET B 87 -9.45 -13.00 0.64
N ASP B 88 -10.44 -12.72 1.47
CA ASP B 88 -11.46 -13.73 1.89
C ASP B 88 -12.27 -14.16 0.64
N ILE B 89 -12.57 -13.23 -0.28
CA ILE B 89 -13.30 -13.55 -1.54
C ILE B 89 -12.38 -14.39 -2.42
N LYS B 90 -11.13 -13.93 -2.61
CA LYS B 90 -10.19 -14.51 -3.61
C LYS B 90 -9.81 -15.93 -3.18
N ASN B 91 -9.54 -16.12 -1.88
CA ASN B 91 -9.01 -17.40 -1.37
C ASN B 91 -10.21 -18.32 -1.05
N ASP B 92 -9.98 -19.62 -1.02
CA ASP B 92 -11.08 -20.62 -0.87
C ASP B 92 -11.26 -20.98 0.61
N HIS B 93 -12.11 -20.24 1.35
CA HIS B 93 -12.43 -20.48 2.79
C HIS B 93 -11.13 -20.63 3.62
N LYS B 94 -10.12 -19.84 3.29
CA LYS B 94 -8.80 -19.88 3.98
C LYS B 94 -8.86 -18.99 5.22
N ASN B 95 -8.15 -19.35 6.28
CA ASN B 95 -7.90 -18.39 7.38
C ASN B 95 -6.76 -17.51 6.91
N ASN B 96 -7.10 -16.31 6.46
CA ASN B 96 -6.12 -15.42 5.79
C ASN B 96 -5.35 -14.58 6.81
N GLU B 97 -5.78 -14.52 8.06
CA GLU B 97 -5.21 -13.56 9.04
C GLU B 97 -4.54 -14.30 10.20
N ARG B 98 -3.34 -13.84 10.56
CA ARG B 98 -2.60 -14.31 11.74
C ARG B 98 -2.32 -13.10 12.63
N LEU B 99 -2.20 -13.33 13.93
CA LEU B 99 -1.81 -12.31 14.89
C LEU B 99 -0.32 -12.50 15.20
N LEU B 100 0.49 -11.54 14.78
CA LEU B 100 1.97 -11.66 14.77
C LEU B 100 2.56 -10.47 15.51
N PHE B 101 3.86 -10.49 15.70
CA PHE B 101 4.60 -9.47 16.47
C PHE B 101 5.52 -8.70 15.55
N HIS B 102 5.79 -7.46 15.93
CA HIS B 102 6.75 -6.62 15.19
C HIS B 102 7.43 -5.66 16.16
N GLY B 103 8.73 -5.86 16.34
CA GLY B 103 9.57 -4.98 17.17
C GLY B 103 9.85 -3.67 16.45
N THR B 104 9.83 -2.56 17.17
CA THR B 104 9.99 -1.19 16.62
CA THR B 104 10.11 -1.23 16.56
C THR B 104 10.97 -0.40 17.50
N ASP B 105 11.73 0.52 16.91
CA ASP B 105 12.45 1.58 17.67
C ASP B 105 11.43 2.66 18.09
N ALA B 106 11.73 3.35 19.17
CA ALA B 106 10.87 4.43 19.69
C ALA B 106 10.61 5.47 18.61
N ASP B 107 11.62 5.80 17.79
CA ASP B 107 11.50 6.92 16.82
C ASP B 107 10.40 6.59 15.79
N SER B 108 10.09 5.32 15.56
CA SER B 108 9.15 4.85 14.50
C SER B 108 7.71 4.75 15.03
N VAL B 109 7.53 4.75 16.34
CA VAL B 109 6.21 4.43 16.95
C VAL B 109 5.18 5.46 16.49
N PRO B 110 5.43 6.79 16.53
CA PRO B 110 4.39 7.73 16.09
C PRO B 110 3.95 7.50 14.64
N TYR B 111 4.88 7.20 13.74
CA TYR B 111 4.58 6.98 12.31
C TYR B 111 3.75 5.69 12.19
N VAL B 112 4.17 4.59 12.82
CA VAL B 112 3.43 3.30 12.69
C VAL B 112 2.02 3.47 13.25
N ASN B 113 1.87 4.12 14.41
CA ASN B 113 0.54 4.29 15.03
C ASN B 113 -0.42 4.97 14.05
N GLN B 114 0.08 5.95 13.29
CA GLN B 114 -0.75 6.79 12.38
C GLN B 114 -0.87 6.13 11.01
N HIS B 115 0.20 5.49 10.51
CA HIS B 115 0.34 5.15 9.06
C HIS B 115 0.65 3.68 8.80
N GLY B 116 0.86 2.91 9.85
CA GLY B 116 1.10 1.47 9.73
C GLY B 116 2.51 1.18 9.25
N PHE B 117 2.67 0.04 8.61
CA PHE B 117 3.98 -0.55 8.29
C PHE B 117 4.30 -0.27 6.83
N ASN B 118 5.39 0.46 6.63
CA ASN B 118 5.85 0.88 5.29
C ASN B 118 7.08 0.06 4.89
N ARG B 119 6.96 -0.79 3.86
CA ARG B 119 8.07 -1.67 3.41
C ARG B 119 9.27 -0.82 2.99
N SER B 120 9.03 0.43 2.58
CA SER B 120 10.09 1.33 2.07
C SER B 120 11.00 1.77 3.23
N CYS B 121 10.57 1.59 4.49
CA CYS B 121 11.29 1.99 5.73
C CYS B 121 11.91 0.78 6.43
N ALA B 122 11.63 -0.44 5.96
CA ALA B 122 12.02 -1.71 6.61
C ALA B 122 13.54 -1.89 6.57
N GLY B 123 14.13 -2.43 7.64
CA GLY B 123 15.54 -2.84 7.67
C GLY B 123 15.74 -4.16 6.94
N LYS B 124 16.97 -4.45 6.50
CA LYS B 124 17.36 -5.77 5.97
C LYS B 124 17.35 -6.70 7.16
N ASN B 125 16.62 -7.83 7.12
CA ASN B 125 16.55 -8.81 8.23
C ASN B 125 17.84 -9.63 8.20
N ALA B 126 18.29 -10.17 9.35
CA ALA B 126 19.53 -10.99 9.40
C ALA B 126 19.40 -12.20 8.48
N VAL B 127 18.19 -12.74 8.36
CA VAL B 127 17.92 -13.77 7.32
C VAL B 127 16.81 -13.22 6.44
N SER B 128 17.16 -12.82 5.22
CA SER B 128 16.21 -12.17 4.31
C SER B 128 15.48 -13.20 3.45
N TYR B 129 14.16 -13.13 3.49
CA TYR B 129 13.24 -13.88 2.60
C TYR B 129 12.49 -12.90 1.69
N GLY B 130 13.00 -11.70 1.54
CA GLY B 130 12.46 -10.70 0.62
C GLY B 130 12.50 -9.31 1.20
N LYS B 131 12.33 -8.31 0.33
CA LYS B 131 12.32 -6.88 0.68
C LYS B 131 10.88 -6.48 1.00
N GLY B 132 10.47 -6.72 2.23
CA GLY B 132 9.13 -6.37 2.70
C GLY B 132 9.14 -6.10 4.19
N THR B 133 7.96 -6.04 4.78
CA THR B 133 7.82 -5.85 6.25
C THR B 133 7.72 -7.23 6.89
N TYR B 134 8.51 -7.46 7.93
CA TYR B 134 8.63 -8.75 8.63
C TYR B 134 7.77 -8.76 9.88
N PHE B 135 7.13 -9.91 10.12
CA PHE B 135 6.28 -10.14 11.30
C PHE B 135 6.62 -11.52 11.86
N ALA B 136 6.77 -11.60 13.16
CA ALA B 136 7.22 -12.82 13.85
C ALA B 136 6.06 -13.56 14.48
N VAL B 137 6.12 -14.89 14.43
CA VAL B 137 5.17 -15.75 15.20
C VAL B 137 5.46 -15.60 16.70
N ASP B 138 6.74 -15.59 17.08
CA ASP B 138 7.18 -15.59 18.50
C ASP B 138 7.58 -14.18 18.93
N ALA B 139 7.06 -13.71 20.06
CA ALA B 139 7.47 -12.42 20.63
C ALA B 139 8.98 -12.41 20.88
N SER B 140 9.58 -13.54 21.23
CA SER B 140 11.04 -13.62 21.51
C SER B 140 11.86 -13.09 20.34
N TYR B 141 11.39 -13.31 19.11
CA TYR B 141 12.12 -12.84 17.92
C TYR B 141 12.10 -11.31 17.90
N SER B 142 10.90 -10.75 18.04
CA SER B 142 10.68 -9.30 17.98
C SER B 142 11.35 -8.62 19.20
N ALA B 143 11.57 -9.36 20.29
CA ALA B 143 12.11 -8.82 21.57
C ALA B 143 13.63 -8.61 21.46
N LYS B 144 14.27 -9.11 20.41
CA LYS B 144 15.72 -8.86 20.19
C LYS B 144 15.99 -7.36 20.08
N ASP B 145 17.08 -6.89 20.66
CA ASP B 145 17.41 -5.44 20.66
C ASP B 145 17.54 -4.94 19.22
N THR B 146 17.90 -5.80 18.26
CA THR B 146 18.03 -5.41 16.84
CA THR B 146 18.04 -5.39 16.84
C THR B 146 16.69 -4.89 16.31
N TYR B 147 15.57 -5.39 16.82
CA TYR B 147 14.21 -5.01 16.32
C TYR B 147 13.53 -4.02 17.29
N SER B 148 13.41 -4.40 18.56
CA SER B 148 12.81 -3.54 19.62
C SER B 148 13.94 -2.82 20.38
N LYS B 149 14.60 -1.87 19.70
CA LYS B 149 15.75 -1.14 20.25
C LYS B 149 15.33 -0.49 21.56
N PRO B 150 16.02 -0.76 22.68
CA PRO B 150 15.74 -0.02 23.92
C PRO B 150 15.93 1.47 23.70
N ASP B 151 14.98 2.26 24.19
CA ASP B 151 15.04 3.74 24.11
C ASP B 151 15.95 4.25 25.24
N SER B 152 16.07 5.57 25.36
CA SER B 152 16.97 6.23 26.35
C SER B 152 16.55 5.87 27.79
N ASN B 153 15.33 5.38 28.01
CA ASN B 153 14.80 5.01 29.35
C ASN B 153 14.74 3.49 29.52
N GLY B 154 15.32 2.74 28.59
CA GLY B 154 15.34 1.28 28.66
C GLY B 154 14.01 0.65 28.31
N ARG B 155 13.12 1.39 27.67
CA ARG B 155 11.82 0.82 27.21
C ARG B 155 11.99 0.25 25.81
N LYS B 156 11.48 -0.97 25.63
CA LYS B 156 11.37 -1.67 24.34
C LYS B 156 9.89 -1.66 23.91
N HIS B 157 9.67 -1.69 22.60
CA HIS B 157 8.35 -1.51 21.98
C HIS B 157 8.11 -2.63 20.97
N MET B 158 6.96 -3.27 21.06
CA MET B 158 6.57 -4.36 20.13
C MET B 158 5.08 -4.18 19.82
N TYR B 159 4.75 -4.22 18.54
CA TYR B 159 3.35 -4.25 18.08
C TYR B 159 2.87 -5.68 18.02
N VAL B 160 1.58 -5.83 18.27
CA VAL B 160 0.79 -7.05 18.00
C VAL B 160 -0.09 -6.68 16.82
N VAL B 161 0.01 -7.46 15.76
CA VAL B 161 -0.42 -7.00 14.41
C VAL B 161 -1.31 -8.05 13.76
N ARG B 162 -2.48 -7.63 13.26
CA ARG B 162 -3.29 -8.52 12.39
C ARG B 162 -2.62 -8.48 11.01
N VAL B 163 -2.19 -9.62 10.50
CA VAL B 163 -1.45 -9.70 9.21
C VAL B 163 -2.19 -10.62 8.25
N LEU B 164 -2.44 -10.13 7.04
CA LEU B 164 -3.08 -10.95 6.00
C LEU B 164 -2.01 -11.82 5.31
N THR B 165 -1.68 -12.94 5.96
CA THR B 165 -0.70 -13.92 5.44
C THR B 165 -1.28 -14.69 4.26
N GLY B 166 -2.58 -14.89 4.23
CA GLY B 166 -3.23 -15.60 3.11
C GLY B 166 -2.54 -16.91 2.77
N VAL B 167 -2.33 -17.10 1.47
CA VAL B 167 -1.62 -18.29 0.91
C VAL B 167 -0.16 -17.89 0.73
N PHE B 168 0.73 -18.67 1.31
CA PHE B 168 2.16 -18.29 1.38
C PHE B 168 3.05 -19.44 0.91
N THR B 169 4.26 -19.05 0.59
CA THR B 169 5.37 -19.94 0.16
C THR B 169 6.66 -19.48 0.82
N LYS B 170 7.69 -20.30 0.76
CA LYS B 170 9.03 -19.91 1.23
C LYS B 170 9.54 -18.75 0.37
N GLY B 171 9.95 -17.67 1.01
CA GLY B 171 10.47 -16.49 0.32
C GLY B 171 11.91 -16.67 -0.12
N ARG B 172 12.44 -15.62 -0.74
CA ARG B 172 13.86 -15.56 -1.17
CA ARG B 172 13.83 -15.55 -1.28
C ARG B 172 14.29 -14.10 -1.16
N ALA B 173 15.57 -13.88 -0.87
CA ALA B 173 16.11 -12.54 -0.63
C ALA B 173 15.82 -11.58 -1.80
N GLY B 174 15.81 -12.04 -3.04
CA GLY B 174 15.59 -11.07 -4.14
C GLY B 174 14.16 -10.48 -4.26
N LEU B 175 13.17 -10.99 -3.55
CA LEU B 175 11.76 -10.60 -3.85
C LEU B 175 11.48 -9.14 -3.48
N VAL B 176 10.76 -8.43 -4.35
CA VAL B 176 10.20 -7.08 -4.01
C VAL B 176 8.67 -7.15 -4.00
N THR B 177 8.09 -8.26 -4.48
CA THR B 177 6.65 -8.64 -4.39
C THR B 177 6.59 -10.13 -4.08
N PRO B 178 5.46 -10.70 -3.60
CA PRO B 178 5.40 -12.14 -3.45
C PRO B 178 5.53 -12.76 -4.84
N PRO B 179 6.03 -14.00 -4.88
CA PRO B 179 6.21 -14.68 -6.14
C PRO B 179 4.86 -15.13 -6.67
N PRO B 180 4.80 -15.39 -7.98
CA PRO B 180 3.62 -15.99 -8.58
C PRO B 180 3.46 -17.43 -8.09
N LYS B 181 2.21 -17.86 -8.00
CA LYS B 181 1.91 -19.29 -7.68
C LYS B 181 2.32 -20.20 -8.84
N ASN B 182 2.31 -19.67 -10.06
CA ASN B 182 2.48 -20.45 -11.30
C ASN B 182 3.35 -19.62 -12.24
N PRO B 183 4.51 -20.15 -12.68
CA PRO B 183 5.44 -19.33 -13.46
C PRO B 183 4.85 -18.85 -14.79
N HIS B 184 3.83 -19.54 -15.30
CA HIS B 184 3.20 -19.19 -16.59
C HIS B 184 2.03 -18.23 -16.38
N ASN B 185 1.80 -17.77 -15.16
CA ASN B 185 0.79 -16.71 -14.86
C ASN B 185 1.39 -15.76 -13.85
N PRO B 186 2.32 -14.89 -14.31
CA PRO B 186 3.15 -14.11 -13.39
C PRO B 186 2.38 -13.12 -12.50
N THR B 187 1.12 -12.82 -12.81
CA THR B 187 0.35 -11.79 -12.08
C THR B 187 -0.47 -12.39 -10.93
N ASP B 188 -0.58 -13.71 -10.81
CA ASP B 188 -1.44 -14.35 -9.79
C ASP B 188 -0.51 -14.76 -8.65
N LEU B 189 -0.47 -13.96 -7.59
CA LEU B 189 0.62 -13.98 -6.59
C LEU B 189 0.19 -14.74 -5.33
N PHE B 190 1.18 -15.31 -4.66
CA PHE B 190 1.06 -15.61 -3.23
C PHE B 190 0.74 -14.32 -2.46
N ASP B 191 0.08 -14.44 -1.29
CA ASP B 191 -0.26 -13.25 -0.48
C ASP B 191 0.92 -12.80 0.38
N SER B 192 1.79 -13.74 0.77
CA SER B 192 2.92 -13.45 1.65
C SER B 192 3.97 -14.52 1.46
N VAL B 193 5.14 -14.33 2.05
CA VAL B 193 6.14 -15.41 2.09
C VAL B 193 6.59 -15.63 3.54
N THR B 194 7.25 -16.75 3.74
CA THR B 194 7.69 -17.20 5.06
C THR B 194 9.12 -17.74 4.98
N ASN B 195 9.68 -18.06 6.14
CA ASN B 195 11.03 -18.68 6.22
C ASN B 195 10.94 -20.19 5.94
N ASN B 196 9.79 -20.80 6.24
CA ASN B 196 9.59 -22.27 6.21
C ASN B 196 8.08 -22.57 6.19
N THR B 197 7.55 -23.24 5.15
CA THR B 197 6.07 -23.40 5.01
C THR B 197 5.53 -24.40 6.03
N ARG B 198 6.33 -25.38 6.44
CA ARG B 198 5.88 -26.49 7.33
C ARG B 198 6.00 -26.03 8.78
N SER B 199 6.91 -25.10 9.08
CA SER B 199 7.07 -24.52 10.43
C SER B 199 7.33 -23.02 10.33
N PRO B 200 6.33 -22.20 9.92
CA PRO B 200 6.57 -20.77 9.73
C PRO B 200 6.87 -20.10 11.07
N LYS B 201 7.91 -19.25 11.08
CA LYS B 201 8.23 -18.41 12.26
C LYS B 201 8.27 -16.93 11.88
N LEU B 202 8.35 -16.61 10.59
CA LEU B 202 8.23 -15.22 10.15
C LEU B 202 7.44 -15.15 8.87
N PHE B 203 6.79 -14.01 8.68
CA PHE B 203 6.05 -13.72 7.44
C PHE B 203 6.51 -12.36 6.94
N VAL B 204 6.56 -12.26 5.62
CA VAL B 204 6.93 -10.99 4.95
C VAL B 204 5.75 -10.59 4.08
N VAL B 205 5.29 -9.35 4.23
CA VAL B 205 4.27 -8.78 3.30
C VAL B 205 4.84 -7.58 2.55
N PHE B 206 4.32 -7.41 1.35
CA PHE B 206 4.93 -6.51 0.34
C PHE B 206 3.98 -5.40 -0.06
N PHE B 207 2.80 -5.29 0.55
CA PHE B 207 1.82 -4.24 0.17
C PHE B 207 1.32 -3.50 1.39
N ASP B 208 0.89 -2.28 1.12
CA ASP B 208 0.30 -1.42 2.14
C ASP B 208 -1.04 -2.03 2.58
N ASN B 209 -1.39 -1.83 3.84
CA ASN B 209 -2.74 -2.17 4.34
C ASN B 209 -2.94 -3.69 4.35
N GLN B 210 -1.85 -4.46 4.44
CA GLN B 210 -1.91 -5.92 4.67
C GLN B 210 -1.61 -6.24 6.13
N ALA B 211 -1.40 -5.24 6.96
CA ALA B 211 -1.04 -5.42 8.37
C ALA B 211 -1.65 -4.26 9.17
N TYR B 212 -2.44 -4.58 10.19
CA TYR B 212 -3.06 -3.56 11.06
C TYR B 212 -2.40 -3.64 12.43
N PRO B 213 -1.73 -2.56 12.89
CA PRO B 213 -1.11 -2.53 14.21
C PRO B 213 -2.24 -2.40 15.25
N GLU B 214 -2.46 -3.47 16.01
CA GLU B 214 -3.64 -3.59 16.88
C GLU B 214 -3.28 -3.22 18.33
N TYR B 215 -2.13 -3.67 18.83
CA TYR B 215 -1.69 -3.35 20.20
C TYR B 215 -0.22 -2.93 20.17
N LEU B 216 0.13 -2.02 21.07
CA LEU B 216 1.53 -1.66 21.34
C LEU B 216 1.86 -2.11 22.75
N ILE B 217 2.84 -3.00 22.85
CA ILE B 217 3.39 -3.46 24.15
C ILE B 217 4.64 -2.64 24.44
N THR B 218 4.65 -1.95 25.56
CA THR B 218 5.87 -1.31 26.11
C THR B 218 6.40 -2.22 27.21
N PHE B 219 7.68 -2.56 27.18
CA PHE B 219 8.24 -3.55 28.11
C PHE B 219 9.70 -3.23 28.41
N THR B 220 10.17 -3.81 29.50
CA THR B 220 11.56 -3.62 29.99
C THR B 220 12.16 -4.95 30.40
N ALA B 221 13.48 -4.96 30.55
CA ALA B 221 14.22 -6.05 31.23
C ALA B 221 13.89 -5.99 32.74
#